data_8PWR
#
_entry.id   8PWR
#
loop_
_entity.id
_entity.type
_entity.pdbx_description
1 polymer "DNA (5'-D(*TP*CP*CP*TP*CP*CP*T)-3')"
2 polymer "DNA (5'-D(*AP*GP*GP*AP*GP*GP*A)-3')"
3 polymer "DNA (5'-D(*TP*GP*GP*TP*GP*(J32)P*GP*T)-3')"
#
loop_
_entity_poly.entity_id
_entity_poly.type
_entity_poly.pdbx_seq_one_letter_code
_entity_poly.pdbx_strand_id
1 'polydeoxyribonucleotide' (DT)(DC)(DC)(DT)(DC)(DC)(DT) A
2 'polydeoxyribonucleotide' (DA)(DG)(DG)(DA)(DG)(DG)(DA) B
3 'polydeoxyribonucleotide' (DT)(DG)(DG)(DT)(DG)(X0K)(DG)(DT) C
#
loop_
_chem_comp.id
_chem_comp.type
_chem_comp.name
_chem_comp.formula
DA DNA linking 2'-DEOXYADENOSINE-5'-MONOPHOSPHATE 'C10 H14 N5 O6 P'
DC DNA linking 2'-DEOXYCYTIDINE-5'-MONOPHOSPHATE 'C9 H14 N3 O7 P'
DG DNA linking 2'-DEOXYGUANOSINE-5'-MONOPHOSPHATE 'C10 H14 N5 O7 P'
DT DNA linking THYMIDINE-5'-MONOPHOSPHATE 'C10 H15 N2 O8 P'
X0K non-polymer '[(2~{S})-2-oxidanyl-3-[[4-(2-pyren-1-ylethynyl)phenyl]methoxy]propyl] dihydrogen phosphite' 'C28 H23 O5 P'
#
# COMPACT_ATOMS: atom_id res chain seq x y z
C1 X0K C 6 -6.71 -3.78 3.71
C2 X0K C 6 -5.89 -3.70 4.84
C3 X0K C 6 -4.61 -3.12 4.75
C4 X0K C 6 -2.87 -2.06 3.40
C5 X0K C 6 -2.41 -1.60 2.16
C6 X0K C 6 -2.77 -1.24 -0.26
C7 X0K C 6 -3.61 -1.33 -1.38
P X0K C 6 6.33 5.89 0.76
OP1 X0K C 6 7.05 5.34 1.94
OP2 X0K C 6 6.42 7.34 0.46
O5' X0K C 6 6.79 5.06 -0.53
C2' X0K C 6 7.48 3.04 -1.76
C3' X0K C 6 6.44 3.10 -2.90
C4' X0K C 6 5.00 1.36 -2.04
C12 X0K C 6 3.18 1.07 -0.30
C11 X0K C 6 1.89 0.61 0.05
C14 X0K C 6 1.39 0.20 -2.30
C13 X0K C 6 2.69 0.62 -2.65
C15 X0K C 6 -0.32 -0.30 -0.64
C16 X0K C 6 -1.43 -0.72 -0.44
C8 X0K C 6 -4.90 -1.85 -1.26
C8A X0K C 6 -5.35 -2.32 -0.01
C3A X0K C 6 -4.15 -2.63 3.51
C5A X0K C 6 -3.22 -1.68 1.01
C10 X0K C 6 -7.08 -3.38 1.35
C9 X0K C 6 -6.63 -2.88 0.10
C1' X0K C 6 6.92 3.66 -0.45
O3' X0K C 6 7.89 1.67 -1.70
O1' X0K C 6 5.12 2.68 -2.55
C12A X0K C 6 3.58 1.05 -1.66
C14A X0K C 6 0.99 0.19 -0.95
C10A X0K C 6 -6.26 -3.30 2.47
C10C X0K C 6 -4.51 -2.24 1.12
C10B X0K C 6 -4.98 -2.72 2.37
H1 X0K C 6 -7.68 -4.25 3.79
H2 X0K C 6 -6.23 -4.10 5.79
H3 X0K C 6 -3.99 -3.06 5.62
H4 X0K C 6 -2.24 -1.99 4.27
H5 X0K C 6 -1.41 -1.17 2.09
H7 X0K C 6 -3.24 -0.99 -2.34
H2' X0K C 6 8.35 3.63 -2.05
H3'' X0K C 6 6.38 4.14 -3.23
H3' X0K C 6 6.80 2.51 -3.74
H4' X0K C 6 5.35 0.65 -2.79
H4'' X0K C 6 5.62 1.25 -1.15
H12 X0K C 6 3.89 1.31 0.48
H11 X0K C 6 1.61 0.52 1.09
H14 X0K C 6 0.71 -0.16 -3.06
H13 X0K C 6 3.04 0.53 -3.67
H8 X0K C 6 -5.54 -1.92 -2.13
H10 X0K C 6 -8.06 -3.81 1.41
H9 X0K C 6 -7.28 -2.94 -0.76
H1'' X0K C 6 5.95 3.22 -0.22
H1' X0K C 6 7.59 3.44 0.38
C1 X0K C 6 -6.91 -3.85 3.84
C2 X0K C 6 -6.09 -3.82 4.98
C3 X0K C 6 -4.80 -3.26 4.90
C4 X0K C 6 -3.02 -2.20 3.60
C5 X0K C 6 -2.56 -1.70 2.37
C6 X0K C 6 -2.91 -1.24 -0.02
C7 X0K C 6 -3.75 -1.25 -1.15
P X0K C 6 5.69 5.35 1.03
OP1 X0K C 6 6.13 4.85 2.35
OP2 X0K C 6 6.18 6.66 0.53
O5' X0K C 6 5.99 4.22 -0.08
C2' X0K C 6 7.31 3.24 -1.99
C3' X0K C 6 6.18 3.05 -3.04
C4' X0K C 6 4.77 1.69 -1.66
C12 X0K C 6 2.94 1.31 0.05
C11 X0K C 6 1.68 0.77 0.39
C14 X0K C 6 1.24 0.33 -1.97
C13 X0K C 6 2.51 0.81 -2.30
C15 X0K C 6 -0.47 -0.25 -0.35
C16 X0K C 6 -1.58 -0.71 -0.17
C8 X0K C 6 -5.06 -1.76 -1.06
C8A X0K C 6 -5.51 -2.29 0.17
C3A X0K C 6 -4.32 -2.75 3.69
C5A X0K C 6 -3.37 -1.74 1.22
C10 X0K C 6 -7.26 -3.38 1.47
C9 X0K C 6 -6.80 -2.83 0.25
C1' X0K C 6 7.04 4.42 -1.00
O3' X0K C 6 7.55 1.95 -1.44
O1' X0K C 6 4.87 2.80 -2.54
C12A X0K C 6 3.35 1.31 -1.30
C14A X0K C 6 0.82 0.29 -0.63
C10A X0K C 6 -6.44 -3.33 2.61
C10C X0K C 6 -4.67 -2.26 1.30
C10B X0K C 6 -5.14 -2.78 2.54
H1 X0K C 6 -7.88 -4.33 3.89
H2 X0K C 6 -6.43 -4.27 5.89
H3 X0K C 6 -4.17 -3.25 5.79
H4 X0K C 6 -2.41 -2.17 4.48
H5 X0K C 6 -1.55 -1.29 2.33
H7 X0K C 6 -3.39 -0.85 -2.09
H2' X0K C 6 8.21 3.51 -2.53
H3'' X0K C 6 6.14 3.95 -3.64
H3' X0K C 6 6.46 2.22 -3.68
H4' X0K C 6 5.26 0.82 -2.10
H4'' X0K C 6 5.29 1.94 -0.74
H12 X0K C 6 3.64 1.64 0.84
H11 X0K C 6 1.39 0.68 1.42
H14 X0K C 6 0.58 -0.05 -2.75
H13 X0K C 6 2.87 0.76 -3.32
H8 X0K C 6 -5.70 -1.76 -1.92
H10 X0K C 6 -8.25 -3.79 1.53
H9 X0K C 6 -7.44 -2.84 -0.62
H1'' X0K C 6 7.96 4.66 -0.45
H1' X0K C 6 6.78 5.28 -1.62
C1 X0K C 6 -6.92 -3.75 3.75
C2 X0K C 6 -6.11 -3.65 4.89
C3 X0K C 6 -4.82 -3.10 4.81
C4 X0K C 6 -3.04 -2.11 3.46
C5 X0K C 6 -2.54 -1.66 2.22
C6 X0K C 6 -2.87 -1.32 -0.21
C7 X0K C 6 -3.71 -1.38 -1.33
P X0K C 6 5.90 4.94 0.96
OP1 X0K C 6 6.36 4.14 2.11
OP2 X0K C 6 6.48 6.28 0.71
O5' X0K C 6 6.06 4.05 -0.37
C2' X0K C 6 7.27 3.24 -2.44
C3' X0K C 6 6.08 3.12 -3.43
C4' X0K C 6 4.74 1.67 -2.06
C12 X0K C 6 2.97 1.31 -0.29
C11 X0K C 6 1.73 0.76 0.10
C14 X0K C 6 1.18 0.31 -2.25
C13 X0K C 6 2.44 0.81 -2.63
C15 X0K C 6 -0.45 -0.29 -0.56
C16 X0K C 6 -1.55 -0.77 -0.37
C8 X0K C 6 -5.01 -1.90 -1.22
C8A X0K C 6 -5.48 -2.36 0.02
C3A X0K C 6 -4.33 -2.65 3.56
C5A X0K C 6 -3.34 -1.76 1.06
C10 X0K C 6 -7.24 -3.37 1.36
C9 X0K C 6 -6.77 -2.89 0.12
C1' X0K C 6 7.05 4.35 -1.34
O3' X0K C 6 7.55 1.91 -1.99
O1' X0K C 6 4.79 2.85 -2.87
C12A X0K C 6 3.33 1.31 -1.66
C14A X0K C 6 0.83 0.27 -0.89
C10A X0K C 6 -6.44 -3.29 2.51
C10C X0K C 6 -4.65 -2.29 1.17
C10B X0K C 6 -5.15 -2.74 2.41
H1 X0K C 6 -7.89 -4.22 3.83
H2 X0K C 6 -6.47 -4.04 5.83
H3 X0K C 6 -4.20 -3.04 5.69
H4 X0K C 6 -2.42 -2.03 4.35
H5 X0K C 6 -1.55 -1.25 2.16
H7 X0K C 6 -3.35 -1.03 -2.29
H2' X0K C 6 8.13 3.57 -3.02
H3'' X0K C 6 6.01 4.07 -3.98
H3' X0K C 6 6.32 2.33 -4.14
H4' X0K C 6 5.17 0.84 -2.62
H4'' X0K C 6 5.32 1.83 -1.16
H12 X0K C 6 3.72 1.61 0.47
H11 X0K C 6 1.49 0.65 1.15
H14 X0K C 6 0.50 -0.08 -3.00
H13 X0K C 6 2.76 0.77 -3.66
H8 X0K C 6 -5.66 -1.96 -2.09
H10 X0K C 6 -8.24 -3.79 1.43
H9 X0K C 6 -7.41 -2.93 -0.75
H1'' X0K C 6 8.01 4.54 -0.85
H1' X0K C 6 6.76 5.27 -1.86
C1 X0K C 6 -7.08 -4.00 3.62
C2 X0K C 6 -6.31 -3.91 4.79
C3 X0K C 6 -5.02 -3.33 4.74
C4 X0K C 6 -3.24 -2.28 3.47
C5 X0K C 6 -2.73 -1.79 2.26
C6 X0K C 6 -3.01 -1.36 -0.15
C7 X0K C 6 -3.80 -1.43 -1.31
P X0K C 6 5.56 5.52 1.20
OP1 X0K C 6 6.07 5.03 2.49
OP2 X0K C 6 6.00 6.85 0.69
O5' X0K C 6 5.82 4.39 0.08
C2' X0K C 6 7.15 3.33 -1.80
C3' X0K C 6 6.06 3.08 -2.87
C4' X0K C 6 4.62 1.83 -1.44
C12 X0K C 6 2.72 1.43 0.19
C11 X0K C 6 1.46 0.86 0.47
C14 X0K C 6 1.11 0.44 -1.92
C13 X0K C 6 2.38 0.95 -2.19
C15 X0K C 6 -0.63 -0.23 -0.36
C16 X0K C 6 -1.71 -0.74 -0.25
C8 X0K C 6 -5.08 -2.02 -1.26
C8A X0K C 6 -5.57 -2.52 -0.04
C3A X0K C 6 -4.52 -2.85 3.52
C5A X0K C 6 -3.49 -1.86 1.08
C10 X0K C 6 -7.35 -3.59 1.22
C9 X0K C 6 -6.86 -3.08 0.01
C1' X0K C 6 6.85 4.56 -0.88
O3' X0K C 6 7.39 2.08 -1.17
O1' X0K C 6 4.73 2.88 -2.39
C12A X0K C 6 3.19 1.44 -1.15
C14A X0K C 6 0.66 0.38 -0.58
C10A X0K C 6 -6.58 -3.51 2.41
C10C X0K C 6 -4.79 -2.44 1.13
C10B X0K C 6 -5.29 -2.93 2.35
H1 X0K C 6 -8.05 -4.49 3.65
H2 X0K C 6 -6.69 -4.31 5.70
H3 X0K C 6 -4.43 -3.28 5.64
H4 X0K C 6 -2.64 -2.21 4.37
H5 X0K C 6 -1.74 -1.33 2.24
H7 X0K C 6 -3.43 -1.02 -2.24
H2' X0K C 6 8.07 3.57 -2.34
H3'' X0K C 6 6.05 3.93 -3.55
H3' X0K C 6 6.34 2.20 -3.46
H4' X0K C 6 5.13 0.94 -1.81
H4'' X0K C 6 5.07 2.13 -0.50
H12 X0K C 6 3.40 1.74 1.00
H11 X0K C 6 1.15 0.74 1.49
H14 X0K C 6 0.49 0.04 -2.71
H13 X0K C 6 2.79 0.91 -3.20
H8 X0K C 6 -5.69 -2.06 -2.15
H10 X0K C 6 -8.34 -4.03 1.26
H9 X0K C 6 -7.46 -3.13 -0.88
H1'' X0K C 6 7.77 4.84 -0.36
H1' X0K C 6 6.58 5.39 -1.54
C1 X0K C 6 -6.97 -3.79 3.60
C2 X0K C 6 -6.18 -3.74 4.76
C3 X0K C 6 -4.87 -3.24 4.71
C4 X0K C 6 -3.04 -2.27 3.41
C5 X0K C 6 -2.52 -1.80 2.19
C6 X0K C 6 -2.82 -1.32 -0.21
C7 X0K C 6 -3.65 -1.31 -1.35
P X0K C 6 5.71 6.09 -2.52
OP1 X0K C 6 6.84 7.02 -2.34
OP2 X0K C 6 4.97 6.06 -3.81
O5' X0K C 6 6.20 4.61 -2.18
C2' X0K C 6 7.69 2.65 -2.43
C3' X0K C 6 6.70 1.64 -3.09
C4' X0K C 6 5.04 1.42 -1.43
C12 X0K C 6 3.06 1.08 0.12
C11 X0K C 6 1.77 0.57 0.38
C14 X0K C 6 1.44 0.22 -2.01
C13 X0K C 6 2.76 0.66 -2.26
C15 X0K C 6 -0.36 -0.37 -0.47
C16 X0K C 6 -1.48 -0.81 -0.34
C8 X0K C 6 -4.96 -1.82 -1.28
C8A X0K C 6 -5.45 -2.33 -0.06
C3A X0K C 6 -4.35 -2.77 3.48
C5A X0K C 6 -3.31 -1.81 1.02
C10 X0K C 6 -7.26 -3.34 1.23
C9 X0K C 6 -6.75 -2.83 0.01
C1' X0K C 6 7.38 4.12 -2.75
O3' X0K C 6 7.87 2.47 -1.02
O1' X0K C 6 5.33 1.78 -2.76
C12A X0K C 6 3.57 1.09 -1.20
C14A X0K C 6 0.96 0.15 -0.70
C10A X0K C 6 -6.47 -3.31 2.38
C10C X0K C 6 -4.63 -2.32 1.09
C10B X0K C 6 -5.15 -2.80 2.31
H1 X0K C 6 -7.96 -4.24 3.64
H2 X0K C 6 -6.56 -4.15 5.68
H3 X0K C 6 -4.26 -3.22 5.59
H4 X0K C 6 -2.43 -2.24 4.30
H5 X0K C 6 -1.51 -1.40 2.16
H7 X0K C 6 -3.28 -0.90 -2.28
H2' X0K C 6 8.66 2.46 -2.89
H3'' X0K C 6 6.79 1.78 -4.17
H3' X0K C 6 7.04 0.63 -2.87
H4' X0K C 6 5.61 0.53 -1.17
H4'' X0K C 6 5.33 2.24 -0.76
H12 X0K C 6 3.71 1.36 0.96
H11 X0K C 6 1.45 0.44 1.40
H14 X0K C 6 0.81 -0.10 -2.83
H13 X0K C 6 3.16 0.62 -3.26
H8 X0K C 6 -5.59 -1.81 -2.16
H10 X0K C 6 -8.26 -3.74 1.27
H9 X0K C 6 -7.38 -2.84 -0.88
H1'' X0K C 6 8.22 4.72 -2.39
H1' X0K C 6 7.33 4.24 -3.83
C1 X0K C 6 -6.98 -3.87 3.59
C2 X0K C 6 -6.18 -3.82 4.74
C3 X0K C 6 -4.90 -3.26 4.69
C4 X0K C 6 -3.10 -2.23 3.40
C5 X0K C 6 -2.59 -1.75 2.18
C6 X0K C 6 -2.88 -1.32 -0.23
C7 X0K C 6 -3.71 -1.34 -1.37
P X0K C 6 5.65 6.19 -2.26
OP1 X0K C 6 6.80 7.08 -2.00
OP2 X0K C 6 4.98 6.22 -3.59
O5' X0K C 6 6.12 4.68 -1.98
C2' X0K C 6 7.60 2.72 -2.35
C3' X0K C 6 6.60 1.76 -3.06
C4' X0K C 6 4.98 1.41 -1.37
C12 X0K C 6 3.01 1.01 0.17
C11 X0K C 6 1.72 0.48 0.41
C14 X0K C 6 1.40 0.18 -1.99
C13 X0K C 6 2.71 0.62 -2.22
C15 X0K C 6 -0.42 -0.42 -0.48
C16 X0K C 6 -1.54 -0.83 -0.36
C8 X0K C 6 -5.01 -1.84 -1.30
C8A X0K C 6 -5.50 -2.35 -0.07
C3A X0K C 6 -4.39 -2.77 3.47
C5A X0K C 6 -3.38 -1.80 1.01
C10 X0K C 6 -7.28 -3.40 1.21
C9 X0K C 6 -6.80 -2.88 0.00
C1' X0K C 6 7.31 4.20 -2.59
O3' X0K C 6 7.78 2.47 -0.96
O1' X0K C 6 5.23 1.88 -2.69
C12A X0K C 6 3.52 1.05 -1.14
C14A X0K C 6 0.91 0.09 -0.67
C10A X0K C 6 -6.49 -3.35 2.37
C10C X0K C 6 -4.69 -2.32 1.08
C10B X0K C 6 -5.19 -2.81 2.30
H1 X0K C 6 -7.95 -4.35 3.63
H2 X0K C 6 -6.55 -4.25 5.66
H3 X0K C 6 -4.29 -3.24 5.58
H4 X0K C 6 -2.49 -2.19 4.29
H5 X0K C 6 -1.59 -1.35 2.14
H7 X0K C 6 -3.32 -0.96 -2.31
H2' X0K C 6 8.56 2.54 -2.82
H3'' X0K C 6 6.67 1.97 -4.12
H3' X0K C 6 6.94 0.74 -2.92
H4' X0K C 6 5.56 0.50 -1.20
H4'' X0K C 6 5.27 2.17 -0.66
H12 X0K C 6 3.65 1.26 1.01
H11 X0K C 6 1.38 0.33 1.43
H14 X0K C 6 0.77 -0.14 -2.82
H13 X0K C 6 3.12 0.61 -3.23
H8 X0K C 6 -5.64 -1.87 -2.17
H10 X0K C 6 -8.28 -3.82 1.26
H9 X0K C 6 -7.42 -2.89 -0.88
H1'' X0K C 6 8.16 4.78 -2.20
H1' X0K C 6 7.24 4.37 -3.67
C1 X0K C 6 -6.86 -3.71 3.79
C2 X0K C 6 -6.02 -3.69 4.92
C3 X0K C 6 -4.72 -3.20 4.81
C4 X0K C 6 -2.91 -2.27 3.45
C5 X0K C 6 -2.42 -1.83 2.21
C6 X0K C 6 -2.79 -1.42 -0.18
C7 X0K C 6 -3.64 -1.40 -1.30
P X0K C 6 5.54 6.03 -2.59
OP1 X0K C 6 6.72 6.91 -2.48
OP2 X0K C 6 4.76 6.01 -3.86
O5' X0K C 6 6.04 4.54 -2.33
C2' X0K C 6 7.53 2.61 -2.84
C3' X0K C 6 6.51 1.67 -3.53
C4' X0K C 6 5.00 1.29 -1.75
C12 X0K C 6 3.14 0.86 -0.10
C11 X0K C 6 1.88 0.33 0.22
C14 X0K C 6 1.40 0.06 -2.16
C13 X0K C 6 2.69 0.51 -2.47
C15 X0K C 6 -0.31 -0.55 -0.54
C16 X0K C 6 -1.43 -0.95 -0.36
C8 X0K C 6 -4.97 -1.85 -1.18
C8A X0K C 6 -5.43 -2.32 0.06
C3A X0K C 6 -4.23 -2.75 3.57
C5A X0K C 6 -3.26 -1.86 1.07
C10 X0K C 6 -7.22 -3.28 1.42
C9 X0K C 6 -6.75 -2.79 0.18
C1' X0K C 6 7.19 4.11 -2.99
O3' X0K C 6 7.81 2.34 -1.48
O1' X0K C 6 5.17 1.77 -3.07
C12A X0K C 6 3.57 0.92 -1.44
C14A X0K C 6 1.00 -0.04 -0.82
C10A X0K C 6 -6.38 -3.26 2.54
C10C X0K C 6 -4.58 -2.32 1.18
C10B X0K C 6 -5.06 -2.78 2.43
H1 X0K C 6 -7.86 -4.14 3.86
H2 X0K C 6 -6.39 -4.07 5.86
H3 X0K C 6 -4.08 -3.18 5.68
H4 X0K C 6 -2.26 -2.24 4.32
H5 X0K C 6 -1.40 -1.48 2.13
H7 X0K C 6 -3.28 -1.03 -2.26
H2' X0K C 6 8.45 2.48 -3.38
H3'' X0K C 6 6.50 1.90 -4.59
H3' X0K C 6 6.85 0.64 -3.42
H4' X0K C 6 5.61 0.39 -1.63
H4'' X0K C 6 5.34 2.05 -1.04
H12 X0K C 6 3.85 1.11 0.70
H11 X0K C 6 1.62 0.17 1.26
H14 X0K C 6 0.72 -0.24 -2.94
H13 X0K C 6 3.04 0.50 -3.50
H8 X0K C 6 -5.62 -1.85 -2.03
H10 X0K C 6 -8.23 -3.65 1.50
H9 X0K C 6 -7.40 -2.78 -0.68
H1'' X0K C 6 8.05 4.67 -2.63
H1' X0K C 6 7.08 4.31 -4.06
C1 X0K C 6 -6.95 -3.88 3.67
C2 X0K C 6 -6.16 -3.80 4.83
C3 X0K C 6 -4.88 -3.22 4.75
C4 X0K C 6 -3.10 -2.16 3.46
C5 X0K C 6 -2.61 -1.65 2.24
C6 X0K C 6 -2.93 -1.22 -0.17
C7 X0K C 6 -3.75 -1.29 -1.32
P X0K C 6 5.78 6.54 -2.00
OP1 X0K C 6 6.97 7.34 -1.68
OP2 X0K C 6 5.08 6.72 -3.29
O5' X0K C 6 6.16 4.99 -1.86
C2' X0K C 6 7.48 2.96 -2.44
C3' X0K C 6 6.41 2.09 -3.14
C4' X0K C 6 4.83 1.78 -1.41
C12 X0K C 6 2.89 1.38 0.16
C11 X0K C 6 1.61 0.84 0.42
C14 X0K C 6 1.24 0.55 -1.97
C13 X0K C 6 2.54 1.01 -2.23
C15 X0K C 6 -0.52 -0.12 -0.42
C16 X0K C 6 -1.62 -0.62 -0.29
C8 X0K C 6 -5.02 -1.87 -1.23
C8A X0K C 6 -5.49 -2.39 -0.01
C3A X0K C 6 -4.38 -2.73 3.53
C5A X0K C 6 -3.40 -1.73 1.07
C10 X0K C 6 -7.25 -3.47 1.28
C9 X0K C 6 -6.77 -2.95 0.06
C1' X0K C 6 7.24 4.48 -2.60
O3' X0K C 6 7.72 2.65 -1.08
O1' X0K C 6 5.06 2.26 -2.72
C12A X0K C 6 3.38 1.42 -1.16
C14A X0K C 6 0.77 0.44 -0.65
C10A X0K C 6 -6.46 -3.38 2.44
C10C X0K C 6 -4.68 -2.31 1.14
C10B X0K C 6 -5.17 -2.82 2.36
H1 X0K C 6 -7.92 -4.37 3.72
H2 X0K C 6 -6.53 -4.20 5.74
H3 X0K C 6 -4.27 -3.16 5.65
H4 X0K C 6 -2.49 -2.08 4.35
H5 X0K C 6 -1.64 -1.20 2.20
H7 X0K C 6 -3.39 -0.89 -2.25
H2' X0K C 6 8.42 2.78 -2.98
H3'' X0K C 6 6.43 2.33 -4.20
H3' X0K C 6 6.70 1.04 -3.06
H4' X0K C 6 5.41 0.87 -1.25
H4'' X0K C 6 5.15 2.53 -0.69
H12 X0K C 6 3.56 1.62 1.00
H11 X0K C 6 1.30 0.68 1.45
H14 X0K C 6 0.59 0.24 -2.78
H13 X0K C 6 2.93 1.01 -3.24
H8 X0K C 6 -5.65 -1.94 -2.12
H10 X0K C 6 -8.23 -3.92 1.33
H9 X0K C 6 -7.39 -3.00 -0.82
H1'' X0K C 6 8.15 5.00 -2.29
H1' X0K C 6 7.08 4.69 -3.66
C1 X0K C 6 -6.95 -4.05 3.89
C2 X0K C 6 -6.12 -3.88 5.01
C3 X0K C 6 -4.87 -3.26 4.87
C4 X0K C 6 -3.17 -2.21 3.47
C5 X0K C 6 -2.73 -1.78 2.21
C6 X0K C 6 -3.12 -1.51 -0.21
C7 X0K C 6 -3.96 -1.69 -1.33
P X0K C 6 5.80 7.21 -1.54
OP1 X0K C 6 6.82 8.12 -0.96
OP2 X0K C 6 4.91 7.70 -2.62
O5' X0K C 6 6.55 5.91 -2.09
C2' X0K C 6 6.65 3.65 -2.98
C3' X0K C 6 5.81 2.62 -3.78
C4' X0K C 6 4.41 1.67 -2.10
C12 X0K C 6 2.65 1.19 -0.36
C11 X0K C 6 1.42 0.59 0.02
C14 X0K C 6 0.84 0.34 -2.33
C13 X0K C 6 2.11 0.83 -2.70
C15 X0K C 6 -0.76 -0.39 -0.64
C16 X0K C 6 -1.83 -0.90 -0.42
C8 X0K C 6 -5.23 -2.28 -1.17
C8A X0K C 6 -5.66 -2.69 0.10
C3A X0K C 6 -4.44 -2.81 3.62
C5A X0K C 6 -3.55 -1.94 1.07
C10 X0K C 6 -7.37 -3.73 1.51
C9 X0K C 6 -6.94 -3.26 0.25
C1' X0K C 6 5.87 4.98 -2.90
O3' X0K C 6 6.98 3.19 -1.68
O1' X0K C 6 4.48 2.42 -3.31
C12A X0K C 6 3.01 1.26 -1.72
C14A X0K C 6 0.51 0.20 -0.98
C10A X0K C 6 -6.53 -3.58 2.63
C10C X0K C 6 -4.83 -2.53 1.22
C10B X0K C 6 -5.27 -2.97 2.48
H1 X0K C 6 -7.89 -4.59 3.99
H2 X0K C 6 -6.43 -4.28 5.97
H3 X0K C 6 -4.23 -3.14 5.74
H4 X0K C 6 -2.54 -2.08 4.34
H5 X0K C 6 -1.76 -1.33 2.11
H7 X0K C 6 -3.63 -1.38 -2.30
H2' X0K C 6 7.57 3.85 -3.53
H3'' X0K C 6 5.75 2.98 -4.81
H3' X0K C 6 6.35 1.67 -3.81
H4' X0K C 6 5.01 0.77 -2.20
H4'' X0K C 6 4.82 2.27 -1.29
H12 X0K C 6 3.37 1.46 0.42
H11 X0K C 6 1.23 0.40 1.06
H14 X0K C 6 0.15 0.03 -3.09
H13 X0K C 6 2.41 0.85 -3.74
H8 X0K C 6 -5.87 -2.42 -2.03
H10 X0K C 6 -8.33 -4.18 1.61
H9 X0K C 6 -7.59 -3.38 -0.62
H1'' X0K C 6 5.75 5.39 -3.89
H1' X0K C 6 4.89 4.79 -2.48
C1 X0K C 6 -6.97 -4.04 3.80
C2 X0K C 6 -6.14 -3.92 4.93
C3 X0K C 6 -4.88 -3.30 4.81
C4 X0K C 6 -3.18 -2.22 3.44
C5 X0K C 6 -2.74 -1.75 2.19
C6 X0K C 6 -3.13 -1.41 -0.22
C7 X0K C 6 -3.95 -1.55 -1.34
P X0K C 6 5.84 7.33 -1.31
OP1 X0K C 6 6.81 8.24 -0.68
OP2 X0K C 6 5.03 7.80 -2.45
O5' X0K C 6 6.62 6.02 -1.78
C2' X0K C 6 6.76 3.73 -2.60
C3' X0K C 6 5.97 2.68 -3.42
C4' X0K C 6 4.47 1.82 -1.79
C12 X0K C 6 2.60 1.36 -0.14
C11 X0K C 6 1.35 0.78 0.18
C14 X0K C 6 0.90 0.49 -2.19
C13 X0K C 6 2.18 0.98 -2.50
C15 X0K C 6 -0.78 -0.24 -0.58
C16 X0K C 6 -1.85 -0.77 -0.40
C8 X0K C 6 -5.22 -2.16 -1.21
C8A X0K C 6 -5.65 -2.62 0.05
C3A X0K C 6 -4.44 -2.83 3.56
C5A X0K C 6 -3.55 -1.89 1.05
C10 X0K C 6 -7.35 -3.69 1.42
C9 X0K C 6 -6.92 -3.21 0.18
C1' X0K C 6 5.99 5.06 -2.61
O3' X0K C 6 7.02 3.31 -1.28
O1' X0K C 6 4.60 2.51 -3.03
C12A X0K C 6 3.03 1.43 -1.47
C14A X0K C 6 0.49 0.36 -0.86
C10A X0K C 6 -6.53 -3.56 2.55
C10C X0K C 6 -4.81 -2.49 1.17
C10B X0K C 6 -5.25 -2.97 2.43
H1 X0K C 6 -7.91 -4.57 3.89
H2 X0K C 6 -6.47 -4.32 5.88
H3 X0K C 6 -4.25 -3.21 5.68
H4 X0K C 6 -2.55 -2.10 4.31
H5 X0K C 6 -1.76 -1.29 2.12
H7 X0K C 6 -3.62 -1.19 -2.30
H2' X0K C 6 7.71 3.90 -3.11
H3'' X0K C 6 5.97 3.00 -4.46
H3' X0K C 6 6.49 1.72 -3.38
H4' X0K C 6 5.06 0.91 -1.82
H4'' X0K C 6 4.82 2.44 -0.99
H12 X0K C 6 3.28 1.65 0.68
H11 X0K C 6 1.10 0.60 1.22
H14 X0K C 6 0.24 0.17 -2.99
H13 X0K C 6 2.53 0.97 -3.53
H8 X0K C 6 -5.87 -2.27 -2.07
H10 X0K C 6 -8.33 -4.16 1.52
H9 X0K C 6 -7.56 -3.30 -0.69
H1'' X0K C 6 5.94 5.44 -3.63
H1' X0K C 6 4.98 4.89 -2.26
#